data_8U2A
#
_entry.id   8U2A
#
_cell.length_a   69.482
_cell.length_b   72.331
_cell.length_c   97.347
_cell.angle_alpha   90.00
_cell.angle_beta   90.00
_cell.angle_gamma   90.00
#
_symmetry.space_group_name_H-M   'P 21 21 21'
#
loop_
_entity.id
_entity.type
_entity.pdbx_description
1 polymer Exo-alpha-sialidase
2 non-polymer 'NITRATE ION'
3 non-polymer 'SODIUM ION'
4 non-polymer 1,2-ETHANEDIOL
5 non-polymer '9-O-acetyl-5-acetamido-3,5-dideoxy-D-glycero-alpha-D-galacto-non-2-ulopyranosonic acid'
6 water water
#
_entity_poly.entity_id   1
_entity_poly.type   'polypeptide(L)'
_entity_poly.pdbx_seq_one_letter_code
;VEGAVKTEPVDLFHPGFLNSSNYRIPALFKTKEGTLIASIDARRHGGADAPNNDIDTAVRRSEDGGKTWDEGQIIMDYPD
KSSVIDTTLIEDDETGRIFLLVTHFPSKYGFWNAGLGSGFKNIDGKEYLCLYDSSGKEFTVRENVVYDKDSNKTEYTTNA
LGDLFRNGTKIDNINSSTAPLKAKGTSYINLVYSDDDGKTWSEPQNINFQVKKDWMKFLGIAPGRGIQIKNGEHKGRIVV
PVYYTNEKGKQSSAVIYSDDSGKNWTIGESPNDNRKLENGKIINSKTLSDDAPQLTECQVVEMPNGQLKLFMRNLSGYLN
IATSFDGGATWDETVEKDTNVLEPYCQLSVINYSQKVDGKDAVIFSNPNARSRSNGTVRIGLINQVGTYENGEPKYEFDW
KYNKLVKPGYYAYSCLTELSNGNIGLLYEGTPSEEMSYIEMNLKYLES
;
_entity_poly.pdbx_strand_id   A
#
# COMPACT_ATOMS: atom_id res chain seq x y z
N VAL A 1 9.32 33.14 -4.19
CA VAL A 1 8.86 34.11 -5.17
C VAL A 1 7.46 34.54 -4.76
N GLU A 2 7.07 35.75 -5.16
CA GLU A 2 5.75 36.25 -4.80
C GLU A 2 4.67 35.36 -5.41
N GLY A 3 3.69 34.99 -4.57
CA GLY A 3 2.65 34.05 -4.92
C GLY A 3 2.97 32.61 -4.59
N ALA A 4 4.22 32.29 -4.29
CA ALA A 4 4.56 30.93 -3.95
C ALA A 4 3.88 30.55 -2.64
N VAL A 5 3.52 29.28 -2.53
CA VAL A 5 2.83 28.76 -1.37
C VAL A 5 3.56 27.50 -0.94
N LYS A 6 4.04 27.49 0.28
CA LYS A 6 4.59 26.28 0.91
C LYS A 6 4.31 26.48 2.38
N THR A 7 3.26 25.84 2.87
CA THR A 7 2.78 26.11 4.22
C THR A 7 3.82 25.69 5.25
N GLU A 8 3.72 26.26 6.44
CA GLU A 8 4.55 25.81 7.53
C GLU A 8 4.14 24.42 7.95
N PRO A 9 5.08 23.48 8.11
CA PRO A 9 4.68 22.10 8.38
C PRO A 9 3.82 22.01 9.63
N VAL A 10 2.76 21.20 9.56
CA VAL A 10 1.95 20.87 10.73
C VAL A 10 2.15 19.39 11.04
N ASP A 11 2.24 19.07 12.33
CA ASP A 11 2.41 17.70 12.80
C ASP A 11 1.05 17.00 12.83
N LEU A 12 0.66 16.44 11.69
CA LEU A 12 -0.63 15.76 11.58
C LEU A 12 -0.73 14.57 12.54
N PHE A 13 0.39 13.89 12.79
CA PHE A 13 0.47 12.85 13.80
C PHE A 13 1.76 13.08 14.57
N HIS A 14 1.78 12.67 15.83
CA HIS A 14 2.87 13.02 16.73
C HIS A 14 2.67 12.29 18.05
N PRO A 15 3.73 12.17 18.84
CA PRO A 15 3.61 11.53 20.16
C PRO A 15 2.45 12.11 20.95
N GLY A 16 1.60 11.21 21.45
CA GLY A 16 0.46 11.56 22.28
C GLY A 16 -0.85 11.70 21.51
N PHE A 17 -0.80 12.04 20.24
CA PHE A 17 -2.02 12.03 19.45
C PHE A 17 -2.68 10.67 19.55
N LEU A 18 -3.96 10.64 19.97
CA LEU A 18 -4.69 9.40 20.13
C LEU A 18 -3.94 8.43 21.03
N ASN A 19 -3.10 8.95 21.93
CA ASN A 19 -2.44 8.13 22.93
C ASN A 19 -1.52 7.08 22.32
N SER A 20 -1.00 7.38 21.13
CA SER A 20 0.04 6.58 20.51
C SER A 20 1.39 7.28 20.65
N SER A 21 2.40 6.54 21.10
CA SER A 21 3.72 7.13 21.27
C SER A 21 4.42 7.39 19.94
N ASN A 22 4.10 6.62 18.89
CA ASN A 22 4.84 6.66 17.63
C ASN A 22 3.90 6.51 16.45
N TYR A 23 4.42 6.81 15.25
CA TYR A 23 3.67 6.90 14.00
C TYR A 23 4.62 6.72 12.82
N ARG A 24 4.13 6.09 11.76
CA ARG A 24 4.94 5.85 10.58
C ARG A 24 4.02 5.46 9.41
N ILE A 25 4.55 5.58 8.19
CA ILE A 25 3.86 5.11 6.98
C ILE A 25 2.67 5.99 6.63
N PRO A 26 2.87 7.17 6.02
CA PRO A 26 1.74 8.03 5.69
C PRO A 26 1.01 7.60 4.43
N ALA A 27 -0.27 7.92 4.42
CA ALA A 27 -1.13 7.75 3.25
C ALA A 27 -2.10 8.93 3.23
N LEU A 28 -2.36 9.46 2.02
CA LEU A 28 -3.14 10.69 1.91
C LEU A 28 -3.91 10.68 0.59
N PHE A 29 -5.22 10.95 0.68
CA PHE A 29 -6.11 10.87 -0.46
C PHE A 29 -7.17 11.96 -0.39
N LYS A 30 -7.43 12.62 -1.52
CA LYS A 30 -8.57 13.52 -1.61
C LYS A 30 -9.74 12.74 -2.22
N THR A 31 -10.84 12.64 -1.48
CA THR A 31 -12.01 11.93 -2.01
C THR A 31 -12.69 12.75 -3.10
N LYS A 32 -13.63 12.11 -3.81
CA LYS A 32 -14.34 12.81 -4.88
C LYS A 32 -15.17 13.97 -4.35
N GLU A 33 -15.74 13.82 -3.14
CA GLU A 33 -16.45 14.92 -2.49
C GLU A 33 -15.49 16.01 -2.02
N GLY A 34 -14.19 15.77 -2.10
CA GLY A 34 -13.22 16.80 -1.75
C GLY A 34 -12.66 16.73 -0.36
N THR A 35 -12.94 15.67 0.39
CA THR A 35 -12.37 15.52 1.73
C THR A 35 -10.95 14.97 1.63
N LEU A 36 -10.07 15.42 2.51
CA LEU A 36 -8.75 14.80 2.65
C LEU A 36 -8.79 13.72 3.71
N ILE A 37 -8.32 12.52 3.36
CA ILE A 37 -8.21 11.40 4.30
C ILE A 37 -6.74 11.02 4.45
N ALA A 38 -6.24 11.06 5.69
CA ALA A 38 -4.87 10.69 6.00
C ALA A 38 -4.88 9.51 6.96
N SER A 39 -4.24 8.41 6.56
CA SER A 39 -4.09 7.25 7.41
C SER A 39 -2.60 7.00 7.69
N ILE A 40 -2.36 6.30 8.80
CA ILE A 40 -1.02 6.20 9.36
C ILE A 40 -0.96 4.98 10.26
N ASP A 41 0.26 4.46 10.48
CA ASP A 41 0.49 3.43 11.50
C ASP A 41 0.56 4.11 12.85
N ALA A 42 -0.32 3.74 13.77
CA ALA A 42 -0.20 4.16 15.16
C ALA A 42 0.58 3.07 15.86
N ARG A 43 1.88 3.30 16.03
CA ARG A 43 2.78 2.27 16.56
C ARG A 43 2.89 2.48 18.07
N ARG A 44 2.40 1.51 18.83
CA ARG A 44 2.13 1.74 20.24
C ARG A 44 3.35 1.62 21.14
N HIS A 45 4.45 0.98 20.70
CA HIS A 45 5.58 0.66 21.57
C HIS A 45 6.92 0.91 20.88
N GLY A 46 7.05 2.04 20.23
CA GLY A 46 8.26 2.37 19.50
C GLY A 46 8.00 2.44 18.01
N GLY A 47 9.06 2.71 17.26
CA GLY A 47 8.98 2.88 15.83
C GLY A 47 9.13 1.61 15.03
N ALA A 48 9.43 0.48 15.69
CA ALA A 48 9.78 -0.75 15.00
C ALA A 48 8.61 -1.32 14.20
N ASP A 49 8.97 -2.08 13.17
CA ASP A 49 8.01 -2.86 12.40
C ASP A 49 7.56 -4.08 13.18
N ALA A 50 6.47 -4.68 12.69
CA ALA A 50 6.05 -5.98 13.17
C ALA A 50 7.18 -6.98 12.95
N PRO A 51 7.36 -7.96 13.86
CA PRO A 51 6.53 -8.27 15.03
C PRO A 51 6.87 -7.53 16.33
N ASN A 52 7.94 -6.73 16.37
CA ASN A 52 8.35 -6.08 17.63
C ASN A 52 7.56 -4.81 17.90
N ASN A 53 6.24 -4.97 17.94
CA ASN A 53 5.38 -3.83 18.18
C ASN A 53 3.92 -4.25 18.32
N ASP A 54 3.05 -3.28 18.61
CA ASP A 54 1.60 -3.46 18.56
C ASP A 54 1.10 -2.26 17.79
N ILE A 55 0.64 -2.45 16.54
CA ILE A 55 0.38 -1.34 15.63
C ILE A 55 -1.09 -1.33 15.25
N ASP A 56 -1.71 -0.15 15.33
CA ASP A 56 -3.10 0.09 14.97
C ASP A 56 -3.13 1.07 13.80
N THR A 57 -4.25 1.09 13.08
CA THR A 57 -4.46 2.03 11.99
C THR A 57 -5.26 3.21 12.53
N ALA A 58 -4.78 4.42 12.29
CA ALA A 58 -5.47 5.65 12.64
C ALA A 58 -5.78 6.46 11.39
N VAL A 59 -6.81 7.31 11.49
CA VAL A 59 -7.28 8.11 10.36
C VAL A 59 -7.66 9.51 10.84
N ARG A 60 -7.33 10.52 10.03
CA ARG A 60 -7.76 11.90 10.23
C ARG A 60 -8.38 12.44 8.95
N ARG A 61 -9.44 13.24 9.09
CA ARG A 61 -10.14 13.85 7.96
C ARG A 61 -10.01 15.37 8.02
N SER A 62 -9.91 16.00 6.85
CA SER A 62 -10.05 17.45 6.72
C SER A 62 -11.13 17.74 5.70
N GLU A 63 -12.02 18.66 6.05
CA GLU A 63 -13.11 19.04 5.18
C GLU A 63 -12.95 20.40 4.56
N ASP A 64 -11.87 21.12 4.88
CA ASP A 64 -11.60 22.45 4.34
C ASP A 64 -10.27 22.49 3.60
N GLY A 65 -9.97 21.40 2.90
CA GLY A 65 -8.77 21.32 2.08
C GLY A 65 -7.45 21.25 2.83
N GLY A 66 -7.45 20.68 4.04
CA GLY A 66 -6.22 20.49 4.79
C GLY A 66 -5.87 21.60 5.77
N LYS A 67 -6.71 22.63 5.87
CA LYS A 67 -6.41 23.72 6.78
C LYS A 67 -6.62 23.31 8.24
N THR A 68 -7.69 22.56 8.50
CA THR A 68 -7.95 22.01 9.84
C THR A 68 -8.33 20.54 9.72
N TRP A 69 -8.02 19.79 10.77
CA TRP A 69 -8.24 18.35 10.78
C TRP A 69 -9.07 17.96 11.99
N ASP A 70 -9.76 16.81 11.86
CA ASP A 70 -10.63 16.27 12.90
C ASP A 70 -9.77 15.59 13.98
N GLU A 71 -10.42 15.06 15.00
CA GLU A 71 -9.62 14.53 16.12
C GLU A 71 -9.14 13.09 15.88
N GLY A 72 -9.37 12.52 14.69
CA GLY A 72 -8.88 11.19 14.35
C GLY A 72 -9.64 10.05 15.01
N GLN A 73 -9.31 8.83 14.60
CA GLN A 73 -9.94 7.63 15.13
C GLN A 73 -9.11 6.42 14.78
N ILE A 74 -9.07 5.44 15.66
CA ILE A 74 -8.45 4.15 15.39
C ILE A 74 -9.50 3.29 14.70
N ILE A 75 -9.19 2.81 13.49
CA ILE A 75 -10.14 1.98 12.73
C ILE A 75 -9.76 0.51 12.67
N MET A 76 -8.55 0.14 13.09
CA MET A 76 -8.20 -1.27 13.17
C MET A 76 -7.25 -1.47 14.33
N ASP A 77 -7.57 -2.44 15.16
CA ASP A 77 -6.89 -2.71 16.42
C ASP A 77 -7.04 -4.20 16.66
N TYR A 78 -5.95 -4.95 16.57
CA TYR A 78 -5.93 -6.33 17.01
C TYR A 78 -5.14 -6.41 18.31
N PRO A 79 -5.36 -7.45 19.11
CA PRO A 79 -4.79 -7.47 20.46
C PRO A 79 -3.37 -8.03 20.47
N ASP A 80 -2.71 -7.85 21.60
CA ASP A 80 -1.58 -8.70 21.99
C ASP A 80 -0.48 -8.75 20.93
N LYS A 81 -0.13 -7.60 20.37
CA LYS A 81 0.97 -7.47 19.42
C LYS A 81 0.68 -8.16 18.08
N SER A 82 -0.59 -8.39 17.76
CA SER A 82 -1.00 -8.58 16.37
C SER A 82 -1.14 -7.21 15.72
N SER A 83 -0.46 -7.03 14.58
CA SER A 83 -0.28 -5.69 14.02
C SER A 83 -0.98 -5.53 12.69
N VAL A 84 -1.46 -4.31 12.44
CA VAL A 84 -1.80 -3.85 11.09
C VAL A 84 -0.79 -2.79 10.73
N ILE A 85 -0.20 -2.91 9.54
CA ILE A 85 0.97 -2.13 9.17
C ILE A 85 0.92 -1.91 7.67
N ASP A 86 1.23 -0.66 7.26
CA ASP A 86 1.26 -0.16 5.89
C ASP A 86 -0.14 -0.06 5.28
N THR A 87 -0.71 1.13 5.28
CA THR A 87 -2.04 1.33 4.73
C THR A 87 -1.94 1.98 3.36
N THR A 88 -3.07 1.97 2.64
CA THR A 88 -3.16 2.52 1.29
C THR A 88 -4.62 2.90 1.05
N LEU A 89 -4.81 4.01 0.33
CA LEU A 89 -6.13 4.61 0.17
C LEU A 89 -6.50 4.67 -1.30
N ILE A 90 -7.73 4.28 -1.63
CA ILE A 90 -8.26 4.46 -2.98
C ILE A 90 -9.78 4.55 -2.87
N GLU A 91 -10.40 5.16 -3.87
CA GLU A 91 -11.85 5.32 -3.91
C GLU A 91 -12.39 4.80 -5.24
N ASP A 92 -13.61 4.27 -5.19
CA ASP A 92 -14.37 3.93 -6.38
C ASP A 92 -15.33 5.08 -6.66
N ASP A 93 -15.02 5.89 -7.69
CA ASP A 93 -15.79 7.10 -7.91
C ASP A 93 -17.21 6.82 -8.37
N GLU A 94 -17.45 5.66 -9.00
CA GLU A 94 -18.80 5.36 -9.46
C GLU A 94 -19.75 5.10 -8.29
N THR A 95 -19.29 4.39 -7.25
CA THR A 95 -20.13 4.06 -6.10
C THR A 95 -19.93 4.98 -4.91
N GLY A 96 -18.90 5.83 -4.92
CA GLY A 96 -18.59 6.68 -3.79
C GLY A 96 -18.04 5.96 -2.57
N ARG A 97 -17.45 4.79 -2.75
CA ARG A 97 -16.93 4.00 -1.64
C ARG A 97 -15.43 4.23 -1.51
N ILE A 98 -14.96 4.52 -0.30
CA ILE A 98 -13.53 4.63 -0.06
C ILE A 98 -13.02 3.32 0.51
N PHE A 99 -11.86 2.88 0.01
CA PHE A 99 -11.20 1.68 0.47
C PHE A 99 -9.90 2.02 1.19
N LEU A 100 -9.64 1.30 2.27
CA LEU A 100 -8.34 1.32 2.92
C LEU A 100 -7.88 -0.13 3.08
N LEU A 101 -6.67 -0.41 2.62
CA LEU A 101 -6.10 -1.75 2.70
C LEU A 101 -4.86 -1.71 3.58
N VAL A 102 -4.54 -2.85 4.20
CA VAL A 102 -3.44 -2.91 5.17
C VAL A 102 -2.96 -4.35 5.27
N THR A 103 -1.70 -4.53 5.64
CA THR A 103 -1.16 -5.84 5.96
C THR A 103 -1.39 -6.17 7.43
N HIS A 104 -1.74 -7.42 7.70
CA HIS A 104 -2.06 -7.85 9.06
C HIS A 104 -1.28 -9.12 9.39
N PHE A 105 -0.69 -9.12 10.58
CA PHE A 105 0.05 -10.24 11.16
C PHE A 105 -0.57 -10.64 12.47
N PRO A 106 -0.78 -11.93 12.70
CA PRO A 106 -0.98 -12.41 14.07
C PRO A 106 0.20 -12.04 14.96
N SER A 107 -0.04 -12.11 16.26
CA SER A 107 1.01 -11.85 17.22
C SER A 107 2.22 -12.72 16.94
N LYS A 108 3.40 -12.11 17.00
CA LYS A 108 4.73 -12.69 16.83
C LYS A 108 5.20 -12.78 15.38
N TYR A 109 4.44 -12.35 14.37
CA TYR A 109 4.85 -12.50 12.99
C TYR A 109 5.07 -11.16 12.29
N GLY A 110 5.92 -11.18 11.27
CA GLY A 110 6.23 -10.06 10.39
C GLY A 110 6.78 -10.58 9.08
N PHE A 111 7.34 -9.67 8.27
CA PHE A 111 7.69 -10.05 6.90
C PHE A 111 8.69 -11.20 6.84
N TRP A 112 9.64 -11.28 7.78
CA TRP A 112 10.73 -12.24 7.62
C TRP A 112 10.43 -13.62 8.18
N ASN A 113 9.45 -13.76 9.07
CA ASN A 113 9.10 -15.07 9.60
C ASN A 113 7.72 -15.53 9.14
N ALA A 114 7.08 -14.78 8.26
CA ALA A 114 5.78 -15.20 7.74
C ALA A 114 5.85 -16.61 7.15
N GLY A 115 4.84 -17.42 7.47
CA GLY A 115 4.69 -18.72 6.87
C GLY A 115 4.18 -18.65 5.45
N LEU A 116 4.23 -19.79 4.76
CA LEU A 116 3.93 -19.82 3.34
C LEU A 116 2.43 -19.79 3.08
N GLY A 117 2.03 -19.17 1.96
CA GLY A 117 0.66 -19.29 1.49
C GLY A 117 -0.31 -18.36 2.21
N SER A 118 -1.61 -18.53 1.90
CA SER A 118 -2.67 -17.61 2.26
C SER A 118 -3.26 -17.81 3.64
N GLY A 119 -2.97 -18.93 4.28
CA GLY A 119 -3.60 -19.26 5.54
C GLY A 119 -5.02 -19.73 5.40
N PHE A 120 -5.53 -19.84 4.17
CA PHE A 120 -6.83 -20.45 3.88
C PHE A 120 -6.63 -21.82 3.27
N LYS A 121 -7.69 -22.64 3.33
CA LYS A 121 -7.68 -24.02 2.85
C LYS A 121 -8.97 -24.27 2.08
N ASN A 122 -8.88 -25.00 0.97
CA ASN A 122 -10.07 -25.29 0.19
C ASN A 122 -10.82 -26.50 0.76
N ILE A 123 -12.12 -26.37 0.94
CA ILE A 123 -12.98 -27.48 1.34
C ILE A 123 -14.20 -27.46 0.43
N ASP A 124 -14.31 -28.47 -0.44
CA ASP A 124 -15.48 -28.64 -1.31
C ASP A 124 -15.76 -27.39 -2.15
N GLY A 125 -14.71 -26.66 -2.52
CA GLY A 125 -14.83 -25.55 -3.45
C GLY A 125 -14.87 -24.15 -2.88
N LYS A 126 -14.67 -23.99 -1.56
CA LYS A 126 -14.65 -22.68 -0.92
C LYS A 126 -13.45 -22.57 0.01
N GLU A 127 -12.76 -21.44 -0.05
CA GLU A 127 -11.61 -21.17 0.81
C GLU A 127 -12.06 -20.81 2.22
N TYR A 128 -11.41 -21.40 3.21
CA TYR A 128 -11.78 -21.21 4.61
C TYR A 128 -10.51 -20.97 5.40
N LEU A 129 -10.57 -19.98 6.31
CA LEU A 129 -9.41 -19.70 7.16
C LEU A 129 -9.08 -20.90 8.04
N CYS A 130 -7.80 -21.24 8.11
CA CYS A 130 -7.35 -22.33 8.95
C CYS A 130 -7.04 -21.83 10.35
N LEU A 131 -7.30 -22.70 11.33
CA LEU A 131 -6.96 -22.46 12.73
C LEU A 131 -6.22 -23.68 13.25
N TYR A 132 -5.35 -23.46 14.24
CA TYR A 132 -4.51 -24.53 14.78
C TYR A 132 -4.55 -24.51 16.30
N ASP A 133 -4.60 -25.70 16.91
CA ASP A 133 -4.52 -25.82 18.35
C ASP A 133 -3.10 -26.20 18.77
N SER A 134 -2.93 -26.44 20.08
CA SER A 134 -1.60 -26.60 20.68
C SER A 134 -0.85 -27.80 20.11
N SER A 135 -1.59 -28.81 19.65
CA SER A 135 -0.98 -30.05 19.17
C SER A 135 -0.78 -30.08 17.66
N GLY A 136 -1.05 -28.96 16.98
CA GLY A 136 -0.90 -28.90 15.53
C GLY A 136 -2.14 -29.29 14.74
N LYS A 137 -3.23 -29.63 15.40
CA LYS A 137 -4.42 -30.04 14.69
C LYS A 137 -5.06 -28.84 13.99
N GLU A 138 -5.57 -29.06 12.78
CA GLU A 138 -5.98 -27.99 11.91
C GLU A 138 -7.51 -27.93 11.86
N PHE A 139 -8.05 -26.71 11.90
CA PHE A 139 -9.47 -26.44 11.89
C PHE A 139 -9.78 -25.46 10.76
N THR A 140 -11.04 -25.37 10.38
CA THR A 140 -11.45 -24.37 9.40
C THR A 140 -12.59 -23.55 9.96
N VAL A 141 -12.63 -22.27 9.56
CA VAL A 141 -13.73 -21.37 9.92
C VAL A 141 -14.66 -21.27 8.71
N ARG A 142 -15.89 -21.74 8.89
CA ARG A 142 -16.90 -21.78 7.84
C ARG A 142 -18.05 -20.84 8.22
N GLU A 143 -18.07 -19.67 7.60
CA GLU A 143 -19.05 -18.64 7.93
C GLU A 143 -18.98 -18.37 9.42
N ASN A 144 -17.75 -18.20 9.89
CA ASN A 144 -17.45 -17.85 11.27
C ASN A 144 -17.80 -18.94 12.26
N VAL A 145 -17.97 -20.19 11.82
CA VAL A 145 -18.18 -21.35 12.68
C VAL A 145 -16.97 -22.28 12.54
N VAL A 146 -16.35 -22.63 13.66
CA VAL A 146 -15.12 -23.41 13.60
C VAL A 146 -15.45 -24.89 13.49
N TYR A 147 -14.95 -25.52 12.42
CA TYR A 147 -15.08 -26.94 12.16
C TYR A 147 -13.74 -27.66 12.39
N ASP A 148 -13.79 -28.86 12.96
CA ASP A 148 -12.56 -29.60 13.16
C ASP A 148 -12.14 -30.29 11.87
N LYS A 149 -11.03 -31.04 11.92
CA LYS A 149 -10.48 -31.66 10.73
C LYS A 149 -11.36 -32.76 10.15
N ASP A 150 -12.45 -33.15 10.83
CA ASP A 150 -13.40 -34.11 10.30
C ASP A 150 -14.71 -33.46 9.92
N SER A 151 -14.71 -32.14 9.73
CA SER A 151 -15.89 -31.36 9.40
C SER A 151 -16.98 -31.53 10.46
N ASN A 152 -16.56 -31.78 11.69
CA ASN A 152 -17.44 -31.72 12.84
C ASN A 152 -17.46 -30.28 13.32
N LYS A 153 -18.66 -29.72 13.47
CA LYS A 153 -18.82 -28.42 14.10
C LYS A 153 -18.28 -28.47 15.52
N THR A 154 -17.58 -27.43 15.95
CA THR A 154 -17.07 -27.35 17.32
C THR A 154 -17.95 -26.42 18.15
N GLU A 155 -17.45 -26.06 19.34
CA GLU A 155 -18.10 -25.08 20.20
C GLU A 155 -17.64 -23.65 19.92
N TYR A 156 -16.75 -23.46 18.94
CA TYR A 156 -16.09 -22.19 18.71
C TYR A 156 -16.67 -21.49 17.48
N THR A 157 -16.69 -20.17 17.55
CA THR A 157 -17.06 -19.29 16.46
C THR A 157 -16.14 -18.08 16.52
N THR A 158 -16.12 -17.31 15.44
CA THR A 158 -15.27 -16.13 15.34
C THR A 158 -16.09 -14.97 14.82
N ASN A 159 -15.46 -13.79 14.87
CA ASN A 159 -15.96 -12.66 14.12
C ASN A 159 -14.83 -12.11 13.25
N ALA A 160 -15.17 -11.04 12.53
CA ALA A 160 -14.26 -10.48 11.53
C ALA A 160 -12.95 -10.02 12.15
N LEU A 161 -12.99 -9.53 13.39
CA LEU A 161 -11.81 -9.08 14.13
C LEU A 161 -11.02 -10.23 14.74
N GLY A 162 -11.47 -11.47 14.62
CA GLY A 162 -10.74 -12.60 15.12
C GLY A 162 -11.08 -12.98 16.54
N ASP A 163 -12.08 -12.35 17.13
CA ASP A 163 -12.51 -12.78 18.47
C ASP A 163 -12.92 -14.25 18.40
N LEU A 164 -12.61 -14.98 19.47
CA LEU A 164 -12.94 -16.39 19.55
C LEU A 164 -13.96 -16.58 20.66
N PHE A 165 -15.07 -17.22 20.33
CA PHE A 165 -16.22 -17.38 21.21
C PHE A 165 -16.46 -18.87 21.47
N ARG A 166 -16.46 -19.24 22.74
CA ARG A 166 -16.84 -20.58 23.18
C ARG A 166 -18.28 -20.50 23.66
N ASN A 167 -19.17 -21.14 22.91
CA ASN A 167 -20.61 -21.09 23.18
C ASN A 167 -21.09 -19.65 23.37
N GLY A 168 -20.69 -18.80 22.42
CA GLY A 168 -21.16 -17.42 22.40
C GLY A 168 -20.47 -16.50 23.37
N THR A 169 -19.51 -16.98 24.14
CA THR A 169 -18.77 -16.17 25.11
C THR A 169 -17.34 -16.01 24.61
N LYS A 170 -16.88 -14.76 24.50
CA LYS A 170 -15.52 -14.50 24.06
C LYS A 170 -14.54 -15.03 25.09
N ILE A 171 -13.56 -15.82 24.64
CA ILE A 171 -12.50 -16.27 25.54
C ILE A 171 -11.13 -15.72 25.13
N ASP A 172 -10.93 -15.47 23.83
CA ASP A 172 -9.63 -14.95 23.38
C ASP A 172 -9.78 -14.36 21.98
N ASN A 173 -8.71 -14.38 21.20
CA ASN A 173 -8.72 -13.82 19.85
C ASN A 173 -7.71 -14.60 19.03
N ILE A 174 -8.14 -15.15 17.88
CA ILE A 174 -7.29 -16.04 17.10
C ILE A 174 -5.98 -15.41 16.65
N ASN A 175 -5.79 -14.11 16.90
CA ASN A 175 -4.57 -13.40 16.53
C ASN A 175 -3.63 -13.19 17.70
N SER A 176 -4.05 -13.61 18.90
CA SER A 176 -3.26 -13.37 20.09
C SER A 176 -2.21 -14.47 20.30
N SER A 177 -1.34 -14.22 21.25
CA SER A 177 -0.34 -15.23 21.60
C SER A 177 -0.89 -16.29 22.54
N THR A 178 -2.16 -16.16 22.98
CA THR A 178 -2.75 -17.01 24.02
C THR A 178 -4.01 -17.76 23.61
N ALA A 179 -4.53 -17.55 22.40
CA ALA A 179 -5.79 -18.21 22.02
C ALA A 179 -5.61 -19.72 21.92
N PRO A 180 -6.60 -20.49 22.35
CA PRO A 180 -6.52 -21.95 22.16
C PRO A 180 -6.52 -22.36 20.69
N LEU A 181 -6.99 -21.49 19.79
CA LEU A 181 -6.98 -21.74 18.35
C LEU A 181 -6.42 -20.48 17.69
N LYS A 182 -5.36 -20.62 16.91
CA LYS A 182 -4.71 -19.47 16.31
C LYS A 182 -4.71 -19.58 14.79
N ALA A 183 -4.89 -18.45 14.12
CA ALA A 183 -4.70 -18.40 12.68
C ALA A 183 -3.24 -18.69 12.35
N LYS A 184 -2.99 -19.10 11.10
CA LYS A 184 -1.63 -19.35 10.69
C LYS A 184 -0.80 -18.06 10.81
N GLY A 185 0.42 -18.21 11.30
CA GLY A 185 1.32 -17.08 11.42
C GLY A 185 1.88 -16.63 10.08
N THR A 186 1.23 -15.67 9.45
CA THR A 186 1.69 -15.18 8.15
C THR A 186 1.06 -13.82 7.90
N SER A 187 1.42 -13.20 6.77
CA SER A 187 0.80 -11.96 6.34
C SER A 187 -0.60 -12.21 5.79
N TYR A 188 -1.49 -11.23 6.02
CA TYR A 188 -2.85 -11.22 5.51
C TYR A 188 -3.18 -9.82 4.97
N ILE A 189 -3.80 -9.77 3.80
CA ILE A 189 -4.28 -8.51 3.26
C ILE A 189 -5.69 -8.28 3.79
N ASN A 190 -5.88 -7.12 4.44
CA ASN A 190 -7.15 -6.73 5.03
C ASN A 190 -7.68 -5.49 4.31
N LEU A 191 -9.01 -5.39 4.24
CA LEU A 191 -9.70 -4.35 3.50
C LEU A 191 -10.85 -3.87 4.36
N VAL A 192 -10.93 -2.55 4.53
CA VAL A 192 -12.11 -1.91 5.09
C VAL A 192 -12.59 -0.86 4.10
N TYR A 193 -13.82 -0.39 4.29
CA TYR A 193 -14.40 0.62 3.40
C TYR A 193 -15.29 1.60 4.16
N SER A 194 -15.42 2.80 3.57
CA SER A 194 -16.28 3.87 4.08
C SER A 194 -17.25 4.28 2.98
N ASP A 195 -18.53 4.38 3.32
CA ASP A 195 -19.52 4.91 2.41
C ASP A 195 -19.98 6.33 2.74
N ASP A 196 -19.38 6.96 3.76
CA ASP A 196 -19.72 8.31 4.20
C ASP A 196 -18.46 9.17 4.24
N ASP A 197 -17.68 9.09 3.16
CA ASP A 197 -16.55 9.97 2.95
C ASP A 197 -15.50 9.83 4.05
N GLY A 198 -15.46 8.67 4.71
CA GLY A 198 -14.43 8.34 5.69
C GLY A 198 -14.83 8.44 7.15
N LYS A 199 -16.04 8.95 7.45
CA LYS A 199 -16.42 9.14 8.84
C LYS A 199 -16.50 7.83 9.61
N THR A 200 -17.08 6.79 9.00
CA THR A 200 -17.21 5.47 9.62
C THR A 200 -16.65 4.43 8.67
N TRP A 201 -16.21 3.30 9.22
CA TRP A 201 -15.49 2.28 8.48
C TRP A 201 -16.02 0.90 8.84
N SER A 202 -15.96 -0.02 7.87
CA SER A 202 -16.42 -1.39 8.05
C SER A 202 -15.41 -2.20 8.85
N GLU A 203 -15.81 -3.43 9.23
CA GLU A 203 -14.88 -4.36 9.86
C GLU A 203 -13.95 -4.93 8.79
N PRO A 204 -12.78 -5.45 9.19
CA PRO A 204 -11.80 -5.87 8.18
C PRO A 204 -12.22 -7.13 7.44
N GLN A 205 -12.03 -7.09 6.13
CA GLN A 205 -12.26 -8.23 5.25
C GLN A 205 -10.91 -8.87 4.95
N ASN A 206 -10.79 -10.17 5.21
CA ASN A 206 -9.56 -10.92 4.95
C ASN A 206 -9.59 -11.46 3.52
N ILE A 207 -8.92 -10.77 2.60
CA ILE A 207 -8.97 -11.13 1.17
C ILE A 207 -7.80 -12.02 0.76
N ASN A 208 -7.05 -12.55 1.73
CA ASN A 208 -5.83 -13.28 1.39
C ASN A 208 -6.15 -14.40 0.41
N PHE A 209 -7.27 -15.09 0.62
CA PHE A 209 -7.62 -16.25 -0.19
C PHE A 209 -7.70 -15.93 -1.69
N GLN A 210 -7.87 -14.67 -2.08
CA GLN A 210 -7.94 -14.34 -3.49
C GLN A 210 -6.63 -13.85 -4.08
N VAL A 211 -5.70 -13.33 -3.27
CA VAL A 211 -4.52 -12.68 -3.82
C VAL A 211 -3.21 -13.35 -3.41
N LYS A 212 -3.14 -14.12 -2.33
CA LYS A 212 -1.89 -14.75 -1.90
C LYS A 212 -1.78 -16.18 -2.43
N LYS A 213 -0.70 -16.45 -3.16
CA LYS A 213 -0.43 -17.75 -3.74
C LYS A 213 0.28 -18.66 -2.75
N ASP A 214 0.24 -19.97 -3.03
CA ASP A 214 0.83 -20.97 -2.15
C ASP A 214 2.32 -20.72 -1.92
N TRP A 215 3.02 -20.18 -2.91
CA TRP A 215 4.45 -20.04 -2.84
C TRP A 215 4.90 -18.69 -2.30
N MET A 216 3.97 -17.78 -2.02
CA MET A 216 4.35 -16.51 -1.42
C MET A 216 4.51 -16.63 0.10
N LYS A 217 5.59 -16.05 0.62
CA LYS A 217 5.87 -16.08 2.04
C LYS A 217 5.26 -14.85 2.70
N PHE A 218 5.71 -13.66 2.28
CA PHE A 218 5.11 -12.39 2.65
C PHE A 218 4.42 -11.78 1.44
N LEU A 219 3.23 -11.23 1.65
CA LEU A 219 2.54 -10.42 0.66
C LEU A 219 1.89 -9.27 1.42
N GLY A 220 2.25 -8.03 1.06
CA GLY A 220 1.80 -6.88 1.81
C GLY A 220 1.43 -5.71 0.91
N ILE A 221 0.64 -4.82 1.50
CA ILE A 221 0.33 -3.55 0.84
C ILE A 221 1.63 -2.77 0.66
N ALA A 222 1.81 -2.21 -0.53
CA ALA A 222 2.84 -1.19 -0.77
C ALA A 222 2.21 0.13 -0.36
N PRO A 223 2.67 0.74 0.73
CA PRO A 223 1.85 1.78 1.39
C PRO A 223 1.80 3.08 0.63
N GLY A 224 0.68 3.79 0.82
CA GLY A 224 0.43 5.04 0.13
C GLY A 224 -0.98 5.14 -0.42
N ARG A 225 -1.14 5.03 -1.74
CA ARG A 225 -2.47 5.04 -2.34
C ARG A 225 -2.50 4.13 -3.56
N GLY A 226 -3.72 3.85 -4.02
CA GLY A 226 -3.97 3.18 -5.25
C GLY A 226 -4.52 4.13 -6.30
N ILE A 227 -5.00 3.53 -7.41
CA ILE A 227 -5.68 4.28 -8.46
C ILE A 227 -6.92 3.54 -8.91
N GLN A 228 -7.81 4.26 -9.57
CA GLN A 228 -8.87 3.68 -10.40
C GLN A 228 -8.63 4.13 -11.83
N ILE A 229 -8.51 3.17 -12.75
CA ILE A 229 -8.12 3.45 -14.13
C ILE A 229 -9.18 4.31 -14.82
N LYS A 230 -8.73 5.37 -15.48
CA LYS A 230 -9.63 6.36 -16.08
C LYS A 230 -9.87 6.19 -17.58
N ASN A 231 -8.91 5.67 -18.33
CA ASN A 231 -9.08 5.57 -19.77
C ASN A 231 -8.86 4.14 -20.24
N GLY A 232 -9.54 3.79 -21.33
CA GLY A 232 -9.27 2.56 -22.04
C GLY A 232 -10.09 1.37 -21.60
N GLU A 233 -9.63 0.20 -22.06
CA GLU A 233 -10.37 -1.05 -21.92
C GLU A 233 -10.51 -1.52 -20.48
N HIS A 234 -9.72 -0.97 -19.55
CA HIS A 234 -9.82 -1.38 -18.16
C HIS A 234 -10.34 -0.26 -17.27
N LYS A 235 -11.05 0.70 -17.86
CA LYS A 235 -11.59 1.81 -17.09
C LYS A 235 -12.45 1.28 -15.96
N GLY A 236 -12.31 1.91 -14.79
CA GLY A 236 -13.03 1.52 -13.61
C GLY A 236 -12.31 0.51 -12.73
N ARG A 237 -11.29 -0.17 -13.25
CA ARG A 237 -10.53 -1.11 -12.43
C ARG A 237 -9.81 -0.38 -11.30
N ILE A 238 -9.94 -0.92 -10.09
CA ILE A 238 -9.28 -0.39 -8.91
C ILE A 238 -7.95 -1.13 -8.74
N VAL A 239 -6.85 -0.38 -8.81
CA VAL A 239 -5.51 -0.94 -8.77
C VAL A 239 -4.85 -0.55 -7.44
N VAL A 240 -4.37 -1.55 -6.71
CA VAL A 240 -3.73 -1.38 -5.41
C VAL A 240 -2.32 -1.98 -5.49
N PRO A 241 -1.27 -1.17 -5.32
CA PRO A 241 0.09 -1.73 -5.31
C PRO A 241 0.39 -2.60 -4.10
N VAL A 242 1.18 -3.65 -4.35
CA VAL A 242 1.60 -4.63 -3.35
C VAL A 242 3.01 -5.10 -3.67
N TYR A 243 3.58 -5.91 -2.80
CA TYR A 243 4.80 -6.63 -3.14
C TYR A 243 4.85 -7.84 -2.23
N TYR A 244 5.64 -8.83 -2.63
CA TYR A 244 5.65 -10.11 -1.96
C TYR A 244 7.04 -10.71 -2.02
N THR A 245 7.28 -11.69 -1.15
CA THR A 245 8.50 -12.48 -1.17
C THR A 245 8.17 -13.93 -1.48
N ASN A 246 9.14 -14.64 -2.08
CA ASN A 246 9.02 -16.06 -2.36
C ASN A 246 9.66 -16.86 -1.23
N GLU A 247 9.81 -18.18 -1.45
CA GLU A 247 10.38 -19.05 -0.42
C GLU A 247 11.75 -18.57 0.00
N LYS A 248 12.62 -18.27 -0.97
CA LYS A 248 13.96 -17.78 -0.64
C LYS A 248 13.95 -16.36 -0.08
N GLY A 249 12.77 -15.73 0.06
CA GLY A 249 12.68 -14.45 0.71
C GLY A 249 12.91 -13.24 -0.17
N LYS A 250 13.02 -13.41 -1.49
CA LYS A 250 13.30 -12.26 -2.34
C LYS A 250 12.01 -11.57 -2.77
N GLN A 251 12.10 -10.24 -2.92
CA GLN A 251 10.93 -9.38 -3.03
C GLN A 251 10.65 -9.02 -4.48
N SER A 252 9.35 -8.96 -4.84
CA SER A 252 8.89 -8.62 -6.18
C SER A 252 7.60 -7.84 -6.07
N SER A 253 7.49 -6.77 -6.85
CA SER A 253 6.34 -5.86 -6.81
C SER A 253 5.22 -6.42 -7.67
N ALA A 254 3.99 -5.98 -7.37
CA ALA A 254 2.80 -6.30 -8.18
C ALA A 254 1.69 -5.31 -7.81
N VAL A 255 0.54 -5.46 -8.47
CA VAL A 255 -0.70 -4.83 -8.05
C VAL A 255 -1.78 -5.90 -7.93
N ILE A 256 -2.65 -5.76 -6.94
CA ILE A 256 -3.92 -6.48 -6.90
C ILE A 256 -4.97 -5.53 -7.43
N TYR A 257 -6.08 -6.10 -7.93
CA TYR A 257 -7.04 -5.24 -8.60
C TYR A 257 -8.42 -5.87 -8.61
N SER A 258 -9.44 -5.00 -8.73
CA SER A 258 -10.83 -5.41 -8.74
C SER A 258 -11.57 -4.72 -9.87
N ASP A 259 -12.36 -5.48 -10.62
CA ASP A 259 -13.18 -4.94 -11.71
C ASP A 259 -14.67 -4.93 -11.37
N ASP A 260 -15.02 -5.26 -10.13
CA ASP A 260 -16.39 -5.25 -9.66
C ASP A 260 -16.52 -4.47 -8.35
N SER A 261 -15.93 -3.28 -8.33
CA SER A 261 -16.15 -2.28 -7.27
C SER A 261 -15.66 -2.75 -5.91
N GLY A 262 -14.59 -3.54 -5.88
CA GLY A 262 -14.00 -3.98 -4.64
C GLY A 262 -14.51 -5.30 -4.08
N LYS A 263 -15.43 -5.99 -4.76
CA LYS A 263 -16.00 -7.22 -4.21
C LYS A 263 -15.03 -8.40 -4.33
N ASN A 264 -14.41 -8.56 -5.50
CA ASN A 264 -13.43 -9.59 -5.76
C ASN A 264 -12.12 -8.95 -6.23
N TRP A 265 -11.02 -9.62 -5.91
CA TRP A 265 -9.69 -9.15 -6.26
C TRP A 265 -8.85 -10.26 -6.88
N THR A 266 -7.90 -9.86 -7.72
CA THR A 266 -6.89 -10.76 -8.26
C THR A 266 -5.52 -10.10 -8.10
N ILE A 267 -4.47 -10.91 -8.13
CA ILE A 267 -3.11 -10.38 -8.16
C ILE A 267 -2.56 -10.57 -9.58
N GLY A 268 -1.95 -9.51 -10.12
CA GLY A 268 -1.32 -9.60 -11.41
C GLY A 268 0.09 -10.17 -11.31
N GLU A 269 0.73 -10.33 -12.45
CA GLU A 269 2.13 -10.72 -12.47
C GLU A 269 3.00 -9.60 -11.91
N SER A 270 4.17 -9.96 -11.41
CA SER A 270 5.15 -8.94 -11.07
C SER A 270 5.87 -8.46 -12.33
N PRO A 271 6.44 -7.26 -12.31
CA PRO A 271 7.38 -6.90 -13.38
C PRO A 271 8.61 -7.79 -13.39
N ASN A 272 8.82 -8.59 -12.34
CA ASN A 272 9.93 -9.56 -12.32
C ASN A 272 9.58 -10.87 -13.00
N ASP A 273 8.30 -11.10 -13.32
CA ASP A 273 7.90 -12.31 -14.02
C ASP A 273 8.28 -12.19 -15.50
N ASN A 274 9.10 -13.14 -15.98
CA ASN A 274 9.68 -13.07 -17.32
C ASN A 274 10.42 -11.76 -17.56
N ARG A 275 10.99 -11.19 -16.51
CA ARG A 275 11.77 -9.96 -16.69
C ARG A 275 13.06 -10.25 -17.45
N LYS A 276 13.39 -9.35 -18.37
CA LYS A 276 14.65 -9.40 -19.10
C LYS A 276 15.58 -8.40 -18.45
N LEU A 277 16.52 -8.91 -17.66
CA LEU A 277 17.55 -8.08 -17.05
C LEU A 277 18.41 -7.42 -18.11
N GLU A 278 19.31 -6.54 -17.66
CA GLU A 278 20.05 -5.66 -18.56
C GLU A 278 20.69 -6.41 -19.72
N ASN A 279 21.36 -7.52 -19.45
CA ASN A 279 22.13 -8.18 -20.50
C ASN A 279 21.44 -9.40 -21.09
N GLY A 280 20.17 -9.65 -20.77
CA GLY A 280 19.36 -10.65 -21.45
C GLY A 280 18.84 -11.76 -20.58
N LYS A 281 19.29 -11.88 -19.33
CA LYS A 281 18.84 -12.96 -18.46
C LYS A 281 17.34 -12.84 -18.15
N ILE A 282 16.63 -13.96 -18.17
CA ILE A 282 15.20 -13.98 -17.88
C ILE A 282 14.99 -14.60 -16.50
N ILE A 283 14.33 -13.86 -15.61
CA ILE A 283 14.09 -14.29 -14.24
C ILE A 283 12.58 -14.39 -14.01
N ASN A 284 12.19 -14.76 -12.80
CA ASN A 284 10.79 -14.88 -12.42
C ASN A 284 10.70 -14.54 -10.94
N SER A 285 9.58 -13.93 -10.52
CA SER A 285 9.43 -13.63 -9.09
C SER A 285 9.38 -14.90 -8.26
N LYS A 286 8.92 -16.00 -8.85
CA LYS A 286 8.80 -17.26 -8.12
C LYS A 286 10.16 -17.84 -7.79
N THR A 287 11.08 -17.78 -8.73
CA THR A 287 12.38 -18.41 -8.58
C THR A 287 13.48 -17.43 -8.20
N LEU A 288 13.20 -16.13 -8.18
CA LEU A 288 14.22 -15.13 -7.92
C LEU A 288 15.05 -15.52 -6.70
N SER A 289 16.36 -15.57 -6.87
CA SER A 289 17.25 -15.99 -5.80
C SER A 289 18.36 -14.98 -5.50
N ASP A 290 18.45 -13.89 -6.24
CA ASP A 290 19.47 -12.87 -6.02
C ASP A 290 18.83 -11.60 -5.49
N ASP A 291 19.61 -10.83 -4.70
CA ASP A 291 19.08 -9.59 -4.15
C ASP A 291 19.00 -8.49 -5.19
N ALA A 292 19.84 -8.55 -6.22
CA ALA A 292 20.02 -7.38 -7.09
C ALA A 292 18.74 -6.98 -7.81
N PRO A 293 18.00 -7.88 -8.46
CA PRO A 293 16.82 -7.49 -9.23
C PRO A 293 15.55 -7.32 -8.40
N GLN A 294 15.65 -7.28 -7.08
CA GLN A 294 14.46 -7.18 -6.25
C GLN A 294 13.68 -5.90 -6.58
N LEU A 295 12.35 -6.01 -6.60
CA LEU A 295 11.45 -4.86 -6.69
C LEU A 295 10.47 -4.93 -5.52
N THR A 296 10.32 -3.84 -4.77
CA THR A 296 9.59 -3.96 -3.51
C THR A 296 8.43 -2.97 -3.44
N GLU A 297 8.42 -2.05 -2.47
CA GLU A 297 7.33 -1.10 -2.38
C GLU A 297 7.23 -0.31 -3.68
N CYS A 298 6.01 0.08 -4.05
CA CYS A 298 5.78 0.67 -5.37
C CYS A 298 4.49 1.47 -5.35
N GLN A 299 4.36 2.34 -6.35
CA GLN A 299 3.16 3.12 -6.58
C GLN A 299 2.95 3.23 -8.09
N VAL A 300 1.69 3.37 -8.49
CA VAL A 300 1.31 3.27 -9.90
C VAL A 300 0.62 4.55 -10.35
N VAL A 301 0.87 4.94 -11.59
CA VAL A 301 0.18 6.06 -12.23
C VAL A 301 -0.21 5.67 -13.66
N GLU A 302 -1.22 6.36 -14.16
CA GLU A 302 -1.83 6.10 -15.46
C GLU A 302 -1.36 7.09 -16.51
N MET A 303 -0.98 6.58 -17.69
CA MET A 303 -0.60 7.40 -18.83
C MET A 303 -1.87 7.86 -19.57
N PRO A 304 -1.75 8.85 -20.46
CA PRO A 304 -2.94 9.34 -21.16
C PRO A 304 -3.82 8.25 -21.79
N ASN A 305 -3.21 7.28 -22.48
CA ASN A 305 -4.00 6.23 -23.13
C ASN A 305 -4.41 5.10 -22.19
N GLY A 306 -4.13 5.22 -20.88
CA GLY A 306 -4.49 4.21 -19.90
C GLY A 306 -3.41 3.22 -19.54
N GLN A 307 -2.26 3.29 -20.22
CA GLN A 307 -1.14 2.44 -19.89
C GLN A 307 -0.68 2.73 -18.45
N LEU A 308 -0.22 1.68 -17.76
CA LEU A 308 0.19 1.81 -16.36
C LEU A 308 1.71 1.86 -16.22
N LYS A 309 2.19 2.72 -15.32
CA LYS A 309 3.59 2.85 -14.97
C LYS A 309 3.73 2.58 -13.47
N LEU A 310 4.56 1.60 -13.11
CA LEU A 310 4.78 1.23 -11.72
C LEU A 310 6.15 1.74 -11.27
N PHE A 311 6.14 2.72 -10.37
CA PHE A 311 7.37 3.26 -9.79
C PHE A 311 7.73 2.39 -8.59
N MET A 312 8.96 1.87 -8.56
CA MET A 312 9.31 0.81 -7.64
C MET A 312 10.54 1.15 -6.84
N ARG A 313 10.47 0.94 -5.52
CA ARG A 313 11.66 0.87 -4.67
C ARG A 313 12.50 -0.36 -5.04
N ASN A 314 13.83 -0.19 -5.06
CA ASN A 314 14.68 -1.28 -5.55
C ASN A 314 16.09 -1.11 -4.99
N LEU A 315 17.03 -1.93 -5.46
CA LEU A 315 18.38 -1.93 -4.91
C LEU A 315 19.44 -1.40 -5.87
N SER A 316 19.04 -0.71 -6.93
CA SER A 316 20.01 -0.17 -7.89
C SER A 316 20.50 1.25 -7.54
N GLY A 317 19.89 1.90 -6.56
CA GLY A 317 20.21 3.28 -6.28
C GLY A 317 19.40 4.29 -7.07
N TYR A 318 18.61 3.84 -8.04
CA TYR A 318 17.83 4.74 -8.85
C TYR A 318 16.40 4.21 -9.01
N LEU A 319 15.49 5.13 -9.22
CA LEU A 319 14.11 4.81 -9.57
C LEU A 319 14.07 3.72 -10.63
N ASN A 320 13.12 2.79 -10.46
CA ASN A 320 12.79 1.76 -11.44
C ASN A 320 11.33 1.92 -11.86
N ILE A 321 11.03 1.65 -13.12
CA ILE A 321 9.70 1.92 -13.67
C ILE A 321 9.29 0.76 -14.58
N ALA A 322 8.18 0.10 -14.27
CA ALA A 322 7.62 -0.93 -15.12
C ALA A 322 6.43 -0.38 -15.91
N THR A 323 6.06 -1.09 -16.99
CA THR A 323 4.96 -0.69 -17.86
C THR A 323 4.03 -1.86 -18.08
N SER A 324 2.72 -1.61 -18.07
CA SER A 324 1.72 -2.63 -18.34
C SER A 324 0.76 -2.14 -19.42
N PHE A 325 0.54 -2.99 -20.42
CA PHE A 325 -0.38 -2.68 -21.49
C PHE A 325 -1.77 -3.22 -21.22
N ASP A 326 -1.95 -4.03 -20.19
CA ASP A 326 -3.19 -4.75 -19.96
C ASP A 326 -3.74 -4.47 -18.57
N GLY A 327 -3.64 -3.22 -18.10
CA GLY A 327 -4.33 -2.86 -16.88
C GLY A 327 -3.78 -3.46 -15.61
N GLY A 328 -2.52 -3.91 -15.62
CA GLY A 328 -1.87 -4.39 -14.43
C GLY A 328 -1.74 -5.89 -14.34
N ALA A 329 -2.15 -6.60 -15.38
CA ALA A 329 -2.13 -8.07 -15.32
C ALA A 329 -0.75 -8.62 -15.63
N THR A 330 -0.05 -8.01 -16.58
CA THR A 330 1.34 -8.32 -16.86
C THR A 330 2.07 -7.03 -17.14
N TRP A 331 3.39 -7.13 -17.19
CA TRP A 331 4.27 -6.00 -17.41
C TRP A 331 5.20 -6.32 -18.59
N ASP A 332 5.62 -5.26 -19.30
CA ASP A 332 6.63 -5.41 -20.33
C ASP A 332 7.93 -5.94 -19.72
N GLU A 333 8.72 -6.67 -20.53
CA GLU A 333 9.84 -7.42 -19.98
C GLU A 333 10.95 -6.53 -19.46
N THR A 334 10.97 -5.25 -19.86
CA THR A 334 12.06 -4.33 -19.55
C THR A 334 11.66 -3.41 -18.40
N VAL A 335 12.44 -3.44 -17.33
CA VAL A 335 12.26 -2.49 -16.23
C VAL A 335 13.30 -1.39 -16.40
N GLU A 336 12.84 -0.15 -16.53
CA GLU A 336 13.72 0.98 -16.80
C GLU A 336 14.30 1.57 -15.53
N LYS A 337 15.56 1.98 -15.61
CA LYS A 337 16.25 2.68 -14.53
C LYS A 337 16.40 4.15 -14.95
N ASP A 338 15.85 5.04 -14.14
CA ASP A 338 15.97 6.47 -14.36
C ASP A 338 17.14 6.94 -13.51
N THR A 339 18.31 7.08 -14.12
CA THR A 339 19.40 7.62 -13.30
C THR A 339 19.26 9.11 -13.03
N ASN A 340 18.16 9.76 -13.44
CA ASN A 340 17.93 11.11 -12.99
C ASN A 340 17.24 11.18 -11.64
N VAL A 341 16.85 10.04 -11.07
CA VAL A 341 16.07 10.03 -9.83
C VAL A 341 16.69 9.03 -8.88
N LEU A 342 17.47 9.52 -7.93
CA LEU A 342 18.04 8.66 -6.91
C LEU A 342 16.93 7.97 -6.12
N GLU A 343 17.20 6.75 -5.71
CA GLU A 343 16.25 5.93 -4.94
C GLU A 343 17.07 5.23 -3.84
N PRO A 344 17.11 5.78 -2.61
CA PRO A 344 17.99 5.20 -1.59
C PRO A 344 17.44 3.96 -0.90
N TYR A 345 16.51 3.23 -1.56
CA TYR A 345 15.87 2.05 -0.97
C TYR A 345 14.84 2.48 0.08
N CYS A 346 13.88 3.28 -0.37
CA CYS A 346 12.88 3.85 0.51
C CYS A 346 11.58 3.94 -0.27
N GLN A 347 10.46 3.94 0.46
CA GLN A 347 9.17 4.11 -0.19
C GLN A 347 9.15 5.45 -0.90
N LEU A 348 8.35 5.51 -1.97
CA LEU A 348 8.17 6.73 -2.75
C LEU A 348 6.68 6.94 -3.03
N SER A 349 6.35 8.16 -3.48
CA SER A 349 4.99 8.51 -3.85
C SER A 349 4.96 9.16 -5.24
N VAL A 350 3.96 8.79 -6.03
CA VAL A 350 3.79 9.41 -7.35
C VAL A 350 2.30 9.40 -7.67
N ILE A 351 1.81 10.53 -8.17
CA ILE A 351 0.40 10.70 -8.49
C ILE A 351 0.29 11.36 -9.85
N ASN A 352 -0.84 11.14 -10.50
CA ASN A 352 -1.17 11.90 -11.70
C ASN A 352 -1.54 13.34 -11.30
N TYR A 353 -1.31 14.27 -12.22
CA TYR A 353 -1.76 15.64 -12.03
C TYR A 353 -2.83 15.93 -13.07
N SER A 354 -3.84 16.68 -12.67
CA SER A 354 -5.02 16.80 -13.52
C SER A 354 -4.90 17.88 -14.59
N GLN A 355 -3.90 18.76 -14.52
CA GLN A 355 -3.81 19.88 -15.45
C GLN A 355 -2.46 19.83 -16.15
N LYS A 356 -2.44 20.34 -17.38
CA LYS A 356 -1.22 20.32 -18.18
C LYS A 356 -0.18 21.28 -17.60
N VAL A 357 1.09 20.89 -17.71
CA VAL A 357 2.21 21.72 -17.30
C VAL A 357 3.06 21.97 -18.53
N ASP A 358 3.31 23.24 -18.84
CA ASP A 358 4.08 23.60 -20.02
C ASP A 358 3.54 22.83 -21.23
N GLY A 359 2.21 22.64 -21.25
CA GLY A 359 1.52 21.99 -22.35
C GLY A 359 1.62 20.48 -22.40
N LYS A 360 2.15 19.84 -21.36
CA LYS A 360 2.32 18.39 -21.31
C LYS A 360 1.50 17.81 -20.17
N ASP A 361 1.08 16.57 -20.34
CA ASP A 361 0.57 15.81 -19.21
C ASP A 361 1.70 15.60 -18.20
N ALA A 362 1.36 15.56 -16.92
CA ALA A 362 2.40 15.53 -15.89
C ALA A 362 2.02 14.60 -14.74
N VAL A 363 3.05 14.25 -13.97
CA VAL A 363 2.92 13.53 -12.72
C VAL A 363 3.68 14.31 -11.65
N ILE A 364 3.36 14.04 -10.39
CA ILE A 364 4.06 14.57 -9.22
C ILE A 364 4.68 13.40 -8.47
N PHE A 365 5.92 13.59 -8.02
CA PHE A 365 6.73 12.51 -7.46
C PHE A 365 7.39 13.00 -6.20
N SER A 366 7.46 12.12 -5.18
CA SER A 366 8.09 12.51 -3.93
C SER A 366 8.94 11.36 -3.40
N ASN A 367 10.11 11.71 -2.92
CA ASN A 367 10.96 10.75 -2.24
C ASN A 367 12.22 11.45 -1.73
N PRO A 368 13.10 10.72 -1.02
CA PRO A 368 14.40 11.29 -0.63
C PRO A 368 15.35 11.29 -1.81
N ASN A 369 15.77 12.48 -2.25
CA ASN A 369 16.70 12.59 -3.38
C ASN A 369 18.14 12.53 -2.86
N ALA A 370 18.53 11.34 -2.42
CA ALA A 370 19.85 11.15 -1.85
C ALA A 370 20.19 9.66 -1.89
N ARG A 371 21.38 9.33 -1.37
CA ARG A 371 21.69 7.94 -1.06
C ARG A 371 21.41 7.62 0.39
N SER A 372 20.64 8.46 1.06
CA SER A 372 20.15 8.23 2.42
C SER A 372 18.71 8.72 2.48
N ARG A 373 18.08 8.62 3.65
CA ARG A 373 16.72 9.09 3.82
C ARG A 373 16.76 10.56 4.25
N SER A 374 17.01 11.42 3.28
CA SER A 374 17.20 12.85 3.53
C SER A 374 16.90 13.58 2.23
N ASN A 375 16.97 14.92 2.28
CA ASN A 375 16.90 15.72 1.07
C ASN A 375 15.58 15.49 0.33
N GLY A 376 14.47 15.49 1.08
CA GLY A 376 13.14 15.26 0.54
C GLY A 376 12.73 16.21 -0.56
N THR A 377 12.38 15.65 -1.71
CA THR A 377 12.24 16.41 -2.95
C THR A 377 10.97 16.03 -3.69
N VAL A 378 10.17 17.05 -4.05
CA VAL A 378 8.98 16.91 -4.90
C VAL A 378 9.35 17.31 -6.31
N ARG A 379 8.95 16.50 -7.30
CA ARG A 379 9.28 16.77 -8.69
C ARG A 379 8.03 16.74 -9.56
N ILE A 380 8.09 17.48 -10.65
CA ILE A 380 7.07 17.47 -11.69
C ILE A 380 7.64 16.74 -12.89
N GLY A 381 7.04 15.61 -13.24
CA GLY A 381 7.45 14.84 -14.39
C GLY A 381 6.50 15.04 -15.56
N LEU A 382 7.02 15.62 -16.65
CA LEU A 382 6.27 15.80 -17.88
C LEU A 382 6.35 14.55 -18.75
N ILE A 383 5.21 14.10 -19.24
CA ILE A 383 5.13 12.88 -20.03
C ILE A 383 5.36 13.22 -21.50
N ASN A 384 6.26 12.48 -22.13
CA ASN A 384 6.53 12.60 -23.57
C ASN A 384 6.45 11.22 -24.17
N GLN A 385 5.75 11.06 -25.30
CA GLN A 385 5.86 9.82 -26.07
C GLN A 385 7.13 9.83 -26.89
N VAL A 386 7.86 8.72 -26.87
CA VAL A 386 9.15 8.61 -27.53
C VAL A 386 9.10 7.39 -28.41
N GLY A 387 8.20 7.39 -29.38
CA GLY A 387 8.09 6.28 -30.31
C GLY A 387 7.03 5.30 -29.87
N THR A 388 7.25 4.02 -30.19
CA THR A 388 6.32 2.96 -29.83
C THR A 388 7.16 1.70 -29.57
N TYR A 389 6.54 0.74 -28.88
CA TYR A 389 7.15 -0.56 -28.68
C TYR A 389 6.93 -1.42 -29.93
N GLU A 390 7.71 -2.51 -30.02
CA GLU A 390 7.50 -3.54 -31.03
C GLU A 390 6.01 -3.81 -31.24
N ASN A 391 5.26 -3.98 -30.15
CA ASN A 391 3.84 -4.28 -30.29
C ASN A 391 2.98 -3.08 -30.74
N GLY A 392 3.57 -1.91 -30.97
CA GLY A 392 2.80 -0.78 -31.43
C GLY A 392 2.13 0.06 -30.37
N GLU A 393 2.22 -0.32 -29.08
CA GLU A 393 1.76 0.57 -28.03
C GLU A 393 2.70 1.77 -27.89
N PRO A 394 2.19 2.93 -27.47
CA PRO A 394 3.09 4.08 -27.28
C PRO A 394 4.14 3.80 -26.22
N LYS A 395 5.31 4.42 -26.39
CA LYS A 395 6.38 4.38 -25.39
C LYS A 395 6.46 5.75 -24.72
N TYR A 396 6.27 5.78 -23.40
CA TYR A 396 6.24 7.01 -22.63
C TYR A 396 7.48 7.14 -21.74
N GLU A 397 8.07 8.33 -21.72
CA GLU A 397 9.18 8.66 -20.84
C GLU A 397 8.82 9.87 -19.98
N PHE A 398 9.56 10.06 -18.89
CA PHE A 398 9.35 11.21 -18.03
C PHE A 398 10.49 12.20 -18.16
N ASP A 399 10.15 13.48 -18.11
CA ASP A 399 11.09 14.58 -18.13
C ASP A 399 10.95 15.28 -16.79
N TRP A 400 11.89 15.02 -15.87
CA TRP A 400 11.83 15.55 -14.52
C TRP A 400 12.27 17.01 -14.56
N LYS A 401 11.37 17.84 -15.08
CA LYS A 401 11.72 19.22 -15.43
C LYS A 401 11.83 20.12 -14.20
N TYR A 402 10.99 19.91 -13.18
CA TYR A 402 11.02 20.71 -11.97
C TYR A 402 11.30 19.81 -10.78
N ASN A 403 12.31 20.17 -9.99
CA ASN A 403 12.76 19.37 -8.85
C ASN A 403 12.98 20.30 -7.66
N LYS A 404 12.17 20.16 -6.62
CA LYS A 404 12.13 21.13 -5.54
C LYS A 404 12.41 20.47 -4.18
N LEU A 405 13.45 20.96 -3.50
CA LEU A 405 13.75 20.51 -2.15
C LEU A 405 12.72 21.10 -1.18
N VAL A 406 11.99 20.21 -0.50
CA VAL A 406 10.96 20.65 0.45
C VAL A 406 11.27 20.26 1.89
N LYS A 407 12.16 19.29 2.14
CA LYS A 407 12.50 18.92 3.51
C LYS A 407 14.00 18.64 3.65
N PRO A 408 14.78 19.62 4.08
CA PRO A 408 16.18 19.33 4.42
C PRO A 408 16.25 18.41 5.62
N GLY A 409 17.27 17.57 5.64
CA GLY A 409 17.40 16.67 6.77
C GLY A 409 16.60 15.39 6.58
N TYR A 410 16.08 14.81 7.66
CA TYR A 410 15.45 13.50 7.56
C TYR A 410 14.24 13.54 6.63
N TYR A 411 14.14 12.52 5.76
CA TYR A 411 12.99 12.35 4.88
C TYR A 411 12.91 10.87 4.49
N ALA A 412 11.78 10.21 4.82
CA ALA A 412 11.62 8.79 4.54
C ALA A 412 10.35 8.61 3.72
N TYR A 413 9.36 7.84 4.22
CA TYR A 413 8.13 7.57 3.48
C TYR A 413 7.30 8.86 3.30
N SER A 414 6.52 8.91 2.22
CA SER A 414 5.70 10.08 1.95
C SER A 414 4.48 9.68 1.12
N CYS A 415 3.51 10.59 1.06
CA CYS A 415 2.38 10.39 0.15
C CYS A 415 1.83 11.73 -0.34
N LEU A 416 1.62 11.83 -1.64
CA LEU A 416 1.11 13.02 -2.31
C LEU A 416 -0.39 12.93 -2.59
N THR A 417 -1.03 14.10 -2.70
CA THR A 417 -2.36 14.19 -3.26
C THR A 417 -2.56 15.55 -3.91
N GLU A 418 -3.26 15.57 -5.03
CA GLU A 418 -3.70 16.83 -5.62
C GLU A 418 -4.90 17.37 -4.85
N LEU A 419 -4.93 18.69 -4.65
CA LEU A 419 -5.93 19.34 -3.84
C LEU A 419 -6.98 19.97 -4.75
N SER A 420 -8.17 20.25 -4.19
CA SER A 420 -9.24 20.79 -5.01
C SER A 420 -8.85 22.12 -5.67
N ASN A 421 -7.98 22.91 -5.04
CA ASN A 421 -7.50 24.16 -5.64
C ASN A 421 -6.39 23.94 -6.66
N GLY A 422 -6.09 22.69 -7.02
CA GLY A 422 -5.01 22.40 -7.95
C GLY A 422 -3.63 22.35 -7.33
N ASN A 423 -3.49 22.67 -6.05
CA ASN A 423 -2.19 22.58 -5.41
C ASN A 423 -1.92 21.14 -4.97
N ILE A 424 -0.83 20.95 -4.25
CA ILE A 424 -0.33 19.63 -3.88
C ILE A 424 -0.23 19.54 -2.37
N GLY A 425 -0.86 18.51 -1.78
CA GLY A 425 -0.69 18.20 -0.38
C GLY A 425 0.27 17.03 -0.22
N LEU A 426 0.99 17.01 0.90
CA LEU A 426 2.02 15.99 1.13
C LEU A 426 2.12 15.71 2.62
N LEU A 427 2.05 14.44 2.98
CA LEU A 427 2.28 13.96 4.34
C LEU A 427 3.54 13.12 4.33
N TYR A 428 4.51 13.46 5.17
CA TYR A 428 5.83 12.84 5.07
C TYR A 428 6.46 12.56 6.43
N GLU A 429 7.29 11.52 6.44
CA GLU A 429 8.11 11.15 7.60
C GLU A 429 9.32 12.09 7.66
N GLY A 430 9.13 13.23 8.31
CA GLY A 430 10.21 14.18 8.56
C GLY A 430 11.06 13.86 9.78
N THR A 431 10.56 12.97 10.63
CA THR A 431 11.29 12.30 11.68
C THR A 431 11.13 10.80 11.47
N PRO A 432 12.00 9.98 12.05
CA PRO A 432 11.89 8.53 11.80
C PRO A 432 10.58 7.92 12.26
N SER A 433 10.05 8.31 13.42
CA SER A 433 8.85 7.64 13.88
C SER A 433 8.04 8.46 14.89
N GLU A 434 8.14 9.78 14.86
CA GLU A 434 7.40 10.56 15.83
C GLU A 434 6.47 11.54 15.14
N GLU A 435 6.95 12.74 14.79
CA GLU A 435 6.10 13.69 14.09
C GLU A 435 6.02 13.33 12.61
N MET A 436 4.78 13.25 12.11
CA MET A 436 4.49 13.13 10.69
C MET A 436 3.90 14.44 10.19
N SER A 437 4.47 14.96 9.11
CA SER A 437 4.29 16.37 8.74
C SER A 437 3.45 16.53 7.47
N TYR A 438 2.53 17.48 7.51
CA TYR A 438 1.68 17.82 6.37
C TYR A 438 1.98 19.25 5.88
N ILE A 439 2.15 19.42 4.56
CA ILE A 439 2.33 20.73 3.95
C ILE A 439 1.55 20.80 2.64
N GLU A 440 1.20 22.02 2.24
CA GLU A 440 0.56 22.27 0.96
C GLU A 440 1.47 23.18 0.13
N MET A 441 1.58 22.86 -1.16
CA MET A 441 2.51 23.48 -2.09
C MET A 441 1.77 23.82 -3.37
N ASN A 442 1.99 25.00 -3.94
CA ASN A 442 1.43 25.29 -5.26
C ASN A 442 2.52 25.12 -6.31
N LEU A 443 2.08 24.98 -7.58
CA LEU A 443 3.03 24.69 -8.65
C LEU A 443 4.02 25.83 -8.85
N LYS A 444 3.59 27.05 -8.56
CA LYS A 444 4.51 28.19 -8.61
C LYS A 444 5.71 27.99 -7.68
N TYR A 445 5.45 27.50 -6.46
CA TYR A 445 6.55 27.10 -5.58
C TYR A 445 7.37 25.99 -6.22
N LEU A 446 6.72 24.93 -6.68
CA LEU A 446 7.45 23.77 -7.15
C LEU A 446 8.28 24.08 -8.40
N GLU A 447 7.85 25.05 -9.19
CA GLU A 447 8.58 25.42 -10.39
C GLU A 447 9.66 26.46 -10.14
N SER A 448 9.89 26.86 -8.90
CA SER A 448 10.83 27.92 -8.60
C SER A 448 12.21 27.35 -8.27
#